data_4RZV
#
_entry.id   4RZV
#
_cell.length_a   64.975
_cell.length_b   71.698
_cell.length_c   243.281
_cell.angle_alpha   90.00
_cell.angle_beta   90.00
_cell.angle_gamma   90.00
#
_symmetry.space_group_name_H-M   'I 2 2 2'
#
loop_
_entity.id
_entity.type
_entity.pdbx_description
1 polymer 'Serine/threonine-protein kinase B-raf'
2 non-polymer N-(3-{[5-(4-chlorophenyl)-1H-pyrrolo[2,3-b]pyridin-3-yl]carbonyl}-2,4-difluorophenyl)propane-1-sulfonamide
#
_entity_poly.entity_id   1
_entity_poly.type   'polypeptide(L)'
_entity_poly.pdbx_seq_one_letter_code
;RRDSSDDWEIPDGQITVGQRIGSGSFGTVYKGKWHGDVAVKMLNVTAPTPQQLQAFKNEVGVLRKTHHVNILLFMGYSTK
PQLAIVTQWCEGSSLYHHLHASETKFEMKKLIDIARQTARGMDYLHAKSIIHRDLKSNNIFLHEDNTVKIGDFGLATVKS
RWSGSHQFEQLSGSILWMAPEVIRMQDSNPYSFQSDVYAFGIVLYELMTGQLPYSNINNRDQIIEMVGRGSLSPDLSKVR
SNCPKRMKRLMAECLKKKRDERPSFPRILAEIEELARELSG
;
_entity_poly.pdbx_strand_id   A,B
#
# COMPACT_ATOMS: atom_id res chain seq x y z
N ASP A 7 -7.74 -19.66 -21.46
CA ASP A 7 -6.45 -18.96 -21.53
C ASP A 7 -6.63 -17.54 -22.05
N TRP A 8 -5.72 -16.65 -21.63
CA TRP A 8 -5.75 -15.26 -22.06
C TRP A 8 -5.04 -15.05 -23.39
N GLU A 9 -4.57 -16.15 -23.98
CA GLU A 9 -3.75 -16.07 -25.19
C GLU A 9 -4.53 -15.57 -26.39
N ILE A 10 -4.08 -14.45 -26.96
CA ILE A 10 -4.67 -13.90 -28.17
C ILE A 10 -4.27 -14.75 -29.36
N PRO A 11 -5.28 -15.23 -30.12
CA PRO A 11 -5.02 -16.08 -31.29
C PRO A 11 -4.12 -15.41 -32.32
N ASP A 12 -3.38 -16.22 -33.07
CA ASP A 12 -2.39 -15.72 -34.02
C ASP A 12 -3.03 -14.90 -35.13
N GLY A 13 -2.41 -13.76 -35.44
CA GLY A 13 -2.89 -12.91 -36.52
C GLY A 13 -3.67 -11.70 -36.05
N GLN A 14 -4.33 -11.82 -34.90
CA GLN A 14 -5.16 -10.75 -34.37
C GLN A 14 -4.36 -9.53 -33.92
N ILE A 15 -3.06 -9.72 -33.69
CA ILE A 15 -2.22 -8.63 -33.24
C ILE A 15 -1.16 -8.28 -34.30
N THR A 16 -1.04 -6.99 -34.59
CA THR A 16 -0.07 -6.51 -35.56
C THR A 16 0.73 -5.33 -35.02
N VAL A 17 2.01 -5.27 -35.35
CA VAL A 17 2.89 -4.21 -34.86
C VAL A 17 3.12 -3.14 -35.92
N GLY A 18 3.42 -1.89 -35.47
CA GLY A 18 3.67 -0.78 -36.37
C GLY A 18 4.83 0.09 -35.92
N GLN A 19 4.62 1.25 -35.47
CA GLN A 19 5.61 2.20 -35.00
C GLN A 19 6.43 1.63 -33.83
N ARG A 20 7.74 1.56 -34.01
CA ARG A 20 8.64 1.06 -32.97
C ARG A 20 9.00 2.15 -31.97
N ILE A 21 8.90 1.83 -30.69
CA ILE A 21 9.22 2.79 -29.64
C ILE A 21 10.64 2.58 -29.12
N GLY A 22 11.00 1.32 -28.88
CA GLY A 22 12.34 1.00 -28.43
C GLY A 22 12.40 -0.08 -27.38
N SER A 23 13.20 0.14 -26.34
CA SER A 23 13.34 -0.82 -25.26
C SER A 23 13.02 -0.17 -23.91
N GLY A 24 12.28 -0.88 -23.07
CA GLY A 24 11.77 -2.19 -23.42
C GLY A 24 12.57 -3.31 -22.79
N SER A 25 12.52 -3.40 -21.45
CA SER A 25 13.22 -4.44 -20.72
C SER A 25 12.66 -5.81 -21.09
N PHE A 26 13.55 -6.76 -21.34
CA PHE A 26 13.16 -8.11 -21.77
C PHE A 26 12.40 -8.11 -23.10
N GLY A 27 12.78 -7.23 -24.02
CA GLY A 27 12.14 -7.23 -25.33
C GLY A 27 12.24 -5.94 -26.12
N THR A 28 11.20 -5.67 -26.91
CA THR A 28 11.13 -4.46 -27.72
C THR A 28 9.67 -4.05 -27.88
N VAL A 29 9.38 -2.80 -27.55
CA VAL A 29 8.00 -2.32 -27.54
C VAL A 29 7.61 -1.63 -28.84
N TYR A 30 6.37 -1.84 -29.26
CA TYR A 30 5.82 -1.25 -30.48
C TYR A 30 4.47 -0.62 -30.21
N LYS A 31 4.12 0.38 -31.02
CA LYS A 31 2.74 0.82 -31.09
C LYS A 31 1.99 -0.17 -31.96
N GLY A 32 1.35 -1.15 -31.31
CA GLY A 32 0.69 -2.23 -32.02
C GLY A 32 -0.75 -1.88 -32.38
N LYS A 33 -1.53 -2.90 -32.72
CA LYS A 33 -2.89 -2.68 -33.16
C LYS A 33 -3.74 -3.93 -33.18
N TRP A 34 -4.92 -3.84 -32.57
CA TRP A 34 -6.03 -4.66 -33.00
C TRP A 34 -7.33 -3.85 -32.87
N HIS A 35 -7.50 -2.93 -33.83
CA HIS A 35 -8.65 -2.02 -33.93
C HIS A 35 -8.95 -1.38 -32.58
N GLY A 36 -7.95 -0.48 -32.24
CA GLY A 36 -7.89 0.04 -30.90
C GLY A 36 -6.40 0.00 -30.58
N ASP A 37 -5.83 1.08 -30.42
CA ASP A 37 -4.38 1.15 -30.29
C ASP A 37 -3.89 0.47 -29.01
N VAL A 38 -3.05 -0.55 -29.17
CA VAL A 38 -2.45 -1.24 -28.03
C VAL A 38 -0.93 -1.21 -28.15
N ALA A 39 -0.26 -1.42 -27.03
CA ALA A 39 1.19 -1.47 -27.01
C ALA A 39 1.66 -2.90 -26.91
N VAL A 40 2.53 -3.30 -27.83
CA VAL A 40 3.02 -4.67 -27.88
C VAL A 40 4.51 -4.75 -27.54
N LYS A 41 4.83 -5.54 -26.52
CA LYS A 41 6.23 -5.80 -26.17
C LYS A 41 6.67 -7.13 -26.75
N MET A 42 7.46 -7.08 -27.82
CA MET A 42 7.98 -8.29 -28.46
C MET A 42 9.16 -8.83 -27.67
N LEU A 43 8.91 -9.87 -26.86
CA LEU A 43 9.95 -10.48 -26.05
C LEU A 43 11.04 -11.11 -26.91
N ASN A 44 12.29 -10.91 -26.52
CA ASN A 44 13.42 -11.47 -27.27
C ASN A 44 13.64 -12.95 -26.95
N VAL A 45 12.76 -13.79 -27.48
CA VAL A 45 12.86 -15.24 -27.31
C VAL A 45 12.74 -15.91 -28.65
N THR A 46 13.82 -16.56 -29.07
CA THR A 46 13.85 -17.14 -30.41
C THR A 46 13.03 -18.42 -30.49
N ALA A 47 13.51 -19.46 -29.81
CA ALA A 47 12.86 -20.77 -29.86
C ALA A 47 12.40 -21.17 -28.47
N PRO A 48 11.14 -20.87 -28.16
CA PRO A 48 10.53 -21.12 -26.85
C PRO A 48 10.45 -22.61 -26.51
N THR A 49 11.19 -23.01 -25.49
CA THR A 49 11.06 -24.36 -24.94
C THR A 49 9.86 -24.37 -24.01
N PRO A 50 9.10 -25.48 -23.99
CA PRO A 50 7.88 -25.62 -23.18
C PRO A 50 8.08 -25.30 -21.69
N GLN A 51 9.33 -25.20 -21.26
CA GLN A 51 9.66 -24.89 -19.88
C GLN A 51 9.49 -23.40 -19.61
N GLN A 52 10.22 -22.58 -20.37
CA GLN A 52 10.14 -21.12 -20.23
C GLN A 52 8.81 -20.60 -20.77
N LEU A 53 8.16 -21.41 -21.61
CA LEU A 53 6.82 -21.08 -22.09
C LEU A 53 5.84 -21.14 -20.93
N GLN A 54 6.05 -22.10 -20.04
CA GLN A 54 5.23 -22.23 -18.84
C GLN A 54 5.58 -21.16 -17.82
N ALA A 55 6.87 -20.83 -17.75
CA ALA A 55 7.34 -19.79 -16.84
C ALA A 55 6.73 -18.44 -17.22
N PHE A 56 6.65 -18.19 -18.52
CA PHE A 56 6.01 -16.98 -19.02
C PHE A 56 4.51 -17.04 -18.80
N LYS A 57 3.96 -18.24 -18.92
CA LYS A 57 2.54 -18.47 -18.67
C LYS A 57 2.15 -18.13 -17.23
N ASN A 58 3.02 -18.51 -16.30
CA ASN A 58 2.75 -18.29 -14.88
C ASN A 58 2.86 -16.82 -14.49
N GLU A 59 3.78 -16.10 -15.12
CA GLU A 59 3.95 -14.69 -14.84
C GLU A 59 2.85 -13.86 -15.51
N VAL A 60 2.33 -14.37 -16.62
CA VAL A 60 1.16 -13.79 -17.25
C VAL A 60 -0.02 -13.92 -16.29
N GLY A 61 -0.09 -15.07 -15.63
CA GLY A 61 -1.12 -15.32 -14.63
C GLY A 61 -1.08 -14.32 -13.49
N VAL A 62 0.08 -13.72 -13.27
CA VAL A 62 0.23 -12.68 -12.26
C VAL A 62 -0.31 -11.35 -12.77
N LEU A 63 -0.02 -11.05 -14.04
CA LEU A 63 -0.48 -9.82 -14.66
C LEU A 63 -2.00 -9.79 -14.80
N ARG A 64 -2.63 -10.95 -14.68
CA ARG A 64 -4.08 -11.07 -14.77
C ARG A 64 -4.78 -10.35 -13.62
N LYS A 65 -4.29 -10.56 -12.41
CA LYS A 65 -4.96 -10.05 -11.21
C LYS A 65 -4.26 -8.84 -10.58
N THR A 66 -3.24 -8.31 -11.26
CA THR A 66 -2.60 -7.08 -10.80
C THR A 66 -3.19 -5.90 -11.58
N HIS A 67 -4.26 -5.33 -11.04
CA HIS A 67 -5.04 -4.33 -11.75
C HIS A 67 -5.22 -3.05 -10.95
N HIS A 68 -4.72 -1.94 -11.48
CA HIS A 68 -4.83 -0.64 -10.81
C HIS A 68 -4.94 0.49 -11.83
N VAL A 69 -5.49 1.62 -11.39
CA VAL A 69 -5.72 2.75 -12.27
C VAL A 69 -4.42 3.38 -12.75
N ASN A 70 -3.41 3.43 -11.88
CA ASN A 70 -2.11 3.96 -12.24
C ASN A 70 -1.15 2.87 -12.68
N ILE A 71 -1.72 1.70 -13.00
CA ILE A 71 -0.94 0.57 -13.48
C ILE A 71 -1.36 0.23 -14.90
N LEU A 72 -0.37 -0.02 -15.75
CA LEU A 72 -0.61 -0.41 -17.14
C LEU A 72 -1.53 -1.61 -17.23
N LEU A 73 -2.65 -1.46 -17.94
CA LEU A 73 -3.62 -2.54 -18.07
C LEU A 73 -3.12 -3.66 -18.96
N PHE A 74 -3.07 -4.87 -18.43
CA PHE A 74 -2.68 -6.06 -19.19
C PHE A 74 -3.88 -6.62 -19.94
N MET A 75 -3.77 -6.65 -21.27
CA MET A 75 -4.88 -7.07 -22.11
C MET A 75 -4.75 -8.50 -22.61
N GLY A 76 -3.52 -9.00 -22.69
CA GLY A 76 -3.29 -10.37 -23.15
C GLY A 76 -1.86 -10.62 -23.58
N TYR A 77 -1.60 -11.85 -24.00
CA TYR A 77 -0.26 -12.24 -24.43
C TYR A 77 -0.32 -13.06 -25.71
N SER A 78 0.85 -13.27 -26.33
CA SER A 78 0.94 -14.06 -27.55
C SER A 78 2.05 -15.09 -27.46
N THR A 79 1.88 -16.21 -28.16
CA THR A 79 2.92 -17.22 -28.27
C THR A 79 3.39 -17.31 -29.72
N LYS A 80 2.42 -17.51 -30.62
CA LYS A 80 2.70 -17.52 -32.05
C LYS A 80 2.33 -16.17 -32.67
N PRO A 81 3.21 -15.62 -33.52
CA PRO A 81 4.49 -16.23 -33.91
C PRO A 81 5.62 -15.95 -32.92
N GLN A 82 5.45 -14.93 -32.08
CA GLN A 82 6.48 -14.56 -31.11
C GLN A 82 5.85 -14.19 -29.77
N LEU A 83 6.55 -14.47 -28.69
CA LEU A 83 6.09 -14.12 -27.35
C LEU A 83 5.94 -12.62 -27.21
N ALA A 84 4.71 -12.16 -26.99
CA ALA A 84 4.43 -10.74 -26.91
C ALA A 84 3.51 -10.40 -25.73
N ILE A 85 3.75 -9.25 -25.12
CA ILE A 85 2.90 -8.74 -24.06
C ILE A 85 2.10 -7.53 -24.54
N VAL A 86 0.79 -7.65 -24.55
CA VAL A 86 -0.08 -6.60 -25.07
C VAL A 86 -0.72 -5.79 -23.94
N THR A 87 -0.45 -4.49 -23.91
CA THR A 87 -1.04 -3.59 -22.94
C THR A 87 -1.73 -2.42 -23.64
N GLN A 88 -2.31 -1.52 -22.86
CA GLN A 88 -2.98 -0.35 -23.43
C GLN A 88 -1.97 0.68 -23.90
N TRP A 89 -2.39 1.52 -24.86
CA TRP A 89 -1.50 2.52 -25.43
C TRP A 89 -1.75 3.90 -24.82
N CYS A 90 -0.67 4.55 -24.39
CA CYS A 90 -0.77 5.87 -23.81
C CYS A 90 -0.35 6.93 -24.83
N GLU A 91 -1.32 7.73 -25.27
CA GLU A 91 -1.12 8.69 -26.35
C GLU A 91 -0.17 9.82 -25.96
N GLY A 92 -0.11 10.11 -24.67
CA GLY A 92 0.75 11.19 -24.18
C GLY A 92 2.19 10.76 -23.97
N SER A 93 2.57 9.66 -24.62
CA SER A 93 3.94 9.15 -24.57
C SER A 93 4.40 8.85 -23.14
N SER A 94 5.71 8.90 -22.92
CA SER A 94 6.28 8.64 -21.61
C SER A 94 6.74 9.94 -20.95
N LEU A 95 7.01 9.87 -19.65
CA LEU A 95 7.40 11.05 -18.89
C LEU A 95 8.80 11.51 -19.27
N TYR A 96 9.66 10.56 -19.66
CA TYR A 96 11.01 10.88 -20.09
C TYR A 96 11.00 11.74 -21.35
N HIS A 97 10.06 11.43 -22.24
CA HIS A 97 9.96 12.12 -23.52
C HIS A 97 9.55 13.58 -23.36
N HIS A 98 8.58 13.82 -22.48
CA HIS A 98 8.09 15.17 -22.24
C HIS A 98 9.09 16.04 -21.49
N LEU A 99 9.88 15.41 -20.64
CA LEU A 99 10.81 16.15 -19.78
C LEU A 99 12.16 16.40 -20.43
N HIS A 100 12.67 15.42 -21.16
CA HIS A 100 14.05 15.51 -21.66
C HIS A 100 14.16 15.47 -23.18
N ALA A 101 13.06 15.17 -23.86
CA ALA A 101 13.10 14.98 -25.31
C ALA A 101 12.21 15.96 -26.08
N SER A 102 11.40 16.73 -25.37
CA SER A 102 10.49 17.65 -26.05
C SER A 102 10.28 18.95 -25.27
N GLU A 103 9.62 19.91 -25.92
CA GLU A 103 9.28 21.17 -25.28
C GLU A 103 7.82 21.18 -24.86
N THR A 104 7.59 21.03 -23.55
CA THR A 104 6.23 21.05 -23.01
C THR A 104 6.18 21.83 -21.71
N LYS A 105 5.36 22.89 -21.70
CA LYS A 105 5.22 23.74 -20.52
C LYS A 105 4.56 22.98 -19.39
N PHE A 106 5.37 22.45 -18.48
CA PHE A 106 4.86 21.71 -17.34
C PHE A 106 4.72 22.57 -16.09
N GLU A 107 3.49 22.84 -15.70
CA GLU A 107 3.22 23.61 -14.49
C GLU A 107 3.41 22.75 -13.25
N MET A 108 3.86 23.37 -12.17
CA MET A 108 4.07 22.68 -10.90
C MET A 108 2.79 22.00 -10.42
N LYS A 109 1.66 22.54 -10.86
CA LYS A 109 0.34 22.00 -10.54
C LYS A 109 0.23 20.51 -10.90
N LYS A 110 0.55 20.17 -12.14
CA LYS A 110 0.42 18.80 -12.60
C LYS A 110 1.71 18.01 -12.42
N LEU A 111 2.81 18.72 -12.16
CA LEU A 111 4.07 18.07 -11.84
C LEU A 111 3.92 17.21 -10.58
N ILE A 112 3.37 17.82 -9.54
CA ILE A 112 3.14 17.14 -8.27
C ILE A 112 2.09 16.04 -8.44
N ASP A 113 1.09 16.29 -9.28
CA ASP A 113 0.03 15.33 -9.52
C ASP A 113 0.56 14.07 -10.20
N ILE A 114 1.50 14.24 -11.13
CA ILE A 114 2.15 13.11 -11.79
C ILE A 114 2.89 12.27 -10.75
N ALA A 115 3.52 12.96 -9.80
CA ALA A 115 4.22 12.30 -8.71
C ALA A 115 3.27 11.56 -7.79
N ARG A 116 2.10 12.15 -7.56
CA ARG A 116 1.10 11.56 -6.69
C ARG A 116 0.53 10.27 -7.29
N GLN A 117 0.27 10.29 -8.59
CA GLN A 117 -0.26 9.12 -9.28
C GLN A 117 0.79 8.01 -9.38
N THR A 118 2.04 8.40 -9.54
CA THR A 118 3.14 7.45 -9.64
C THR A 118 3.35 6.74 -8.30
N ALA A 119 3.17 7.48 -7.22
CA ALA A 119 3.34 6.95 -5.87
C ALA A 119 2.25 5.93 -5.55
N ARG A 120 1.01 6.24 -5.95
CA ARG A 120 -0.12 5.35 -5.70
C ARG A 120 0.00 4.08 -6.53
N GLY A 121 0.53 4.21 -7.74
CA GLY A 121 0.74 3.07 -8.60
C GLY A 121 1.78 2.14 -8.02
N MET A 122 2.82 2.73 -7.45
CA MET A 122 3.87 1.97 -6.79
C MET A 122 3.40 1.42 -5.46
N ASP A 123 2.51 2.14 -4.79
CA ASP A 123 1.96 1.69 -3.52
C ASP A 123 1.14 0.42 -3.70
N TYR A 124 0.42 0.35 -4.81
CA TYR A 124 -0.38 -0.83 -5.13
C TYR A 124 0.52 -2.02 -5.44
N LEU A 125 1.60 -1.77 -6.18
CA LEU A 125 2.54 -2.82 -6.54
C LEU A 125 3.20 -3.43 -5.31
N HIS A 126 3.47 -2.60 -4.31
CA HIS A 126 4.07 -3.07 -3.08
C HIS A 126 3.04 -3.73 -2.18
N ALA A 127 1.78 -3.34 -2.35
CA ALA A 127 0.68 -4.00 -1.66
C ALA A 127 0.49 -5.41 -2.21
N LYS A 128 0.80 -5.56 -3.50
CA LYS A 128 0.76 -6.86 -4.17
C LYS A 128 2.10 -7.56 -4.06
N SER A 129 2.97 -7.03 -3.20
CA SER A 129 4.29 -7.61 -2.92
C SER A 129 5.12 -7.74 -4.20
N ILE A 130 5.07 -6.72 -5.04
CA ILE A 130 5.85 -6.72 -6.28
C ILE A 130 6.89 -5.62 -6.27
N ILE A 131 8.16 -6.00 -6.48
CA ILE A 131 9.23 -5.03 -6.58
C ILE A 131 9.48 -4.70 -8.04
N HIS A 132 9.41 -3.40 -8.38
CA HIS A 132 9.49 -2.96 -9.76
C HIS A 132 10.87 -3.17 -10.39
N ARG A 133 11.92 -2.71 -9.70
CA ARG A 133 13.33 -2.91 -10.08
C ARG A 133 13.81 -2.08 -11.28
N ASP A 134 12.88 -1.36 -11.92
CA ASP A 134 13.20 -0.62 -13.14
C ASP A 134 12.53 0.75 -13.21
N LEU A 135 12.05 1.26 -12.07
CA LEU A 135 11.29 2.50 -12.04
C LEU A 135 12.12 3.69 -12.53
N LYS A 136 11.69 4.27 -13.64
CA LYS A 136 12.32 5.47 -14.15
C LYS A 136 11.31 6.22 -14.99
N SER A 137 11.68 7.42 -15.45
CA SER A 137 10.73 8.22 -16.22
C SER A 137 10.49 7.61 -17.60
N ASN A 138 11.24 6.57 -17.93
CA ASN A 138 11.04 5.85 -19.18
C ASN A 138 9.85 4.91 -19.11
N ASN A 139 9.54 4.44 -17.90
CA ASN A 139 8.47 3.48 -17.71
C ASN A 139 7.22 4.13 -17.11
N ILE A 140 7.24 5.46 -17.04
CA ILE A 140 6.08 6.22 -16.61
C ILE A 140 5.39 6.84 -17.81
N PHE A 141 4.22 6.29 -18.17
CA PHE A 141 3.53 6.70 -19.38
C PHE A 141 2.29 7.53 -19.08
N LEU A 142 2.11 8.60 -19.83
CA LEU A 142 0.98 9.50 -19.65
C LEU A 142 -0.16 9.14 -20.60
N HIS A 143 -1.25 8.60 -20.04
CA HIS A 143 -2.41 8.26 -20.85
C HIS A 143 -3.11 9.53 -21.30
N GLU A 144 -3.89 9.44 -22.37
CA GLU A 144 -4.52 10.62 -22.96
C GLU A 144 -5.58 11.24 -22.05
N ASP A 145 -6.08 10.45 -21.10
CA ASP A 145 -7.06 10.95 -20.14
C ASP A 145 -6.36 11.56 -18.92
N ASN A 146 -5.15 12.03 -19.14
CA ASN A 146 -4.33 12.66 -18.10
C ASN A 146 -4.12 11.75 -16.89
N THR A 147 -3.90 10.47 -17.15
CA THR A 147 -3.65 9.50 -16.10
C THR A 147 -2.28 8.85 -16.25
N VAL A 148 -1.51 8.83 -15.18
CA VAL A 148 -0.18 8.23 -15.19
C VAL A 148 -0.27 6.71 -15.15
N LYS A 149 0.45 6.04 -16.04
CA LYS A 149 0.47 4.58 -16.09
C LYS A 149 1.89 4.05 -15.91
N ILE A 150 2.06 3.15 -14.94
CA ILE A 150 3.36 2.54 -14.68
C ILE A 150 3.52 1.23 -15.44
N GLY A 151 4.67 1.05 -16.08
CA GLY A 151 4.95 -0.16 -16.83
C GLY A 151 6.29 -0.78 -16.50
N ASP A 152 6.65 -1.80 -17.26
CA ASP A 152 7.94 -2.49 -17.14
C ASP A 152 8.16 -3.13 -15.77
N PHE A 153 7.07 -3.43 -15.07
CA PHE A 153 7.15 -4.06 -13.77
C PHE A 153 6.95 -5.56 -13.87
N GLY A 154 6.51 -6.02 -15.05
CA GLY A 154 6.27 -7.43 -15.29
C GLY A 154 7.55 -8.24 -15.32
N LEU A 155 7.39 -9.56 -15.38
CA LEU A 155 8.51 -10.50 -15.33
C LEU A 155 9.35 -10.26 -14.08
N ALA A 156 8.67 -10.16 -12.94
CA ALA A 156 9.33 -9.86 -11.66
C ALA A 156 10.20 -11.02 -11.19
N THR A 157 9.71 -12.23 -11.35
CA THR A 157 10.43 -13.42 -10.88
C THR A 157 11.52 -13.85 -11.86
N VAL A 158 11.76 -13.02 -12.88
CA VAL A 158 12.83 -13.29 -13.85
C VAL A 158 13.75 -12.09 -13.98
N LEU A 171 19.12 -3.00 -14.89
CA LEU A 171 20.55 -3.28 -15.01
C LEU A 171 21.13 -2.69 -16.28
N SER A 172 20.36 -2.71 -17.35
CA SER A 172 20.82 -2.20 -18.63
C SER A 172 19.77 -1.33 -19.31
N GLY A 173 20.12 -0.08 -19.59
CA GLY A 173 21.42 0.46 -19.24
C GLY A 173 21.30 1.81 -18.58
N SER A 174 20.39 1.90 -17.61
CA SER A 174 20.09 3.15 -16.94
C SER A 174 20.45 3.09 -15.45
N ILE A 175 21.55 3.73 -15.08
CA ILE A 175 22.04 3.66 -13.70
C ILE A 175 21.69 4.91 -12.89
N LEU A 176 21.04 5.87 -13.54
CA LEU A 176 20.69 7.12 -12.88
C LEU A 176 19.67 6.91 -11.75
N TRP A 177 18.81 5.92 -11.93
CA TRP A 177 17.73 5.66 -10.98
C TRP A 177 18.09 4.54 -10.00
N MET A 178 19.32 4.04 -10.10
CA MET A 178 19.77 2.93 -9.26
C MET A 178 20.27 3.41 -7.90
N ALA A 179 19.82 2.74 -6.85
CA ALA A 179 20.24 3.06 -5.49
C ALA A 179 21.71 2.71 -5.28
N PRO A 180 22.39 3.44 -4.37
CA PRO A 180 23.80 3.19 -4.07
C PRO A 180 24.10 1.73 -3.68
N GLU A 181 23.17 1.09 -2.97
CA GLU A 181 23.37 -0.29 -2.56
C GLU A 181 23.12 -1.27 -3.70
N VAL A 182 22.32 -0.84 -4.68
CA VAL A 182 22.03 -1.65 -5.85
C VAL A 182 23.20 -1.60 -6.82
N ILE A 183 23.87 -0.46 -6.87
CA ILE A 183 24.92 -0.24 -7.84
C ILE A 183 26.14 -1.13 -7.59
N ARG A 184 26.55 -1.28 -6.33
CA ARG A 184 27.89 -1.81 -6.00
C ARG A 184 28.34 -3.08 -6.77
N MET A 185 27.54 -4.16 -6.85
CA MET A 185 26.51 -4.57 -5.90
C MET A 185 27.21 -5.55 -4.96
N GLN A 186 26.52 -6.10 -3.97
CA GLN A 186 27.15 -7.04 -3.05
C GLN A 186 26.31 -8.30 -2.94
N ASP A 187 24.99 -8.12 -2.98
CA ASP A 187 24.05 -9.23 -2.93
C ASP A 187 23.67 -9.62 -4.34
N SER A 188 23.26 -10.88 -4.54
CA SER A 188 22.79 -11.33 -5.84
C SER A 188 21.40 -10.76 -6.09
N ASN A 189 20.67 -10.53 -5.00
CA ASN A 189 19.37 -9.88 -5.04
C ASN A 189 19.38 -8.60 -4.21
N PRO A 190 19.95 -7.52 -4.76
CA PRO A 190 20.11 -6.24 -4.04
C PRO A 190 18.80 -5.44 -3.97
N TYR A 191 17.84 -5.82 -4.80
CA TYR A 191 16.59 -5.04 -4.92
C TYR A 191 15.64 -5.28 -3.76
N SER A 192 14.99 -4.21 -3.32
CA SER A 192 14.02 -4.27 -2.23
C SER A 192 12.91 -3.26 -2.49
N PHE A 193 11.95 -3.18 -1.57
CA PHE A 193 10.91 -2.16 -1.66
C PHE A 193 11.51 -0.78 -1.45
N GLN A 194 12.62 -0.74 -0.73
CA GLN A 194 13.28 0.51 -0.39
C GLN A 194 14.12 1.05 -1.54
N SER A 195 14.58 0.16 -2.41
CA SER A 195 15.34 0.58 -3.58
C SER A 195 14.42 1.13 -4.66
N ASP A 196 13.15 0.73 -4.62
CA ASP A 196 12.14 1.29 -5.50
C ASP A 196 11.87 2.73 -5.12
N VAL A 197 11.96 3.02 -3.83
CA VAL A 197 11.74 4.36 -3.30
C VAL A 197 12.80 5.33 -3.81
N TYR A 198 14.06 4.87 -3.84
CA TYR A 198 15.15 5.70 -4.34
C TYR A 198 14.93 6.07 -5.80
N ALA A 199 14.52 5.08 -6.59
CA ALA A 199 14.23 5.29 -8.00
C ALA A 199 13.10 6.31 -8.16
N PHE A 200 12.13 6.25 -7.26
CA PHE A 200 11.04 7.22 -7.24
C PHE A 200 11.58 8.60 -6.88
N GLY A 201 12.61 8.62 -6.04
CA GLY A 201 13.24 9.86 -5.63
C GLY A 201 13.91 10.58 -6.79
N ILE A 202 14.43 9.80 -7.74
CA ILE A 202 15.03 10.36 -8.94
C ILE A 202 13.95 10.87 -9.87
N VAL A 203 12.83 10.15 -9.92
CA VAL A 203 11.68 10.57 -10.71
C VAL A 203 11.19 11.93 -10.21
N LEU A 204 11.12 12.08 -8.90
CA LEU A 204 10.78 13.36 -8.27
C LEU A 204 11.76 14.44 -8.69
N TYR A 205 13.04 14.07 -8.77
CA TYR A 205 14.09 14.99 -9.15
C TYR A 205 13.90 15.48 -10.59
N GLU A 206 13.55 14.55 -11.48
CA GLU A 206 13.31 14.88 -12.88
C GLU A 206 12.14 15.86 -13.02
N LEU A 207 11.10 15.64 -12.22
CA LEU A 207 9.90 16.46 -12.27
C LEU A 207 10.14 17.89 -11.81
N MET A 208 10.86 18.03 -10.71
CA MET A 208 11.07 19.34 -10.10
C MET A 208 12.13 20.16 -10.80
N THR A 209 13.26 19.53 -11.14
CA THR A 209 14.36 20.23 -11.79
C THR A 209 14.13 20.36 -13.29
N GLY A 210 13.61 19.30 -13.91
CA GLY A 210 13.42 19.27 -15.34
C GLY A 210 14.64 18.69 -16.03
N GLN A 211 15.52 18.08 -15.24
CA GLN A 211 16.77 17.54 -15.74
C GLN A 211 17.05 16.15 -15.19
N LEU A 212 17.82 15.37 -15.95
CA LEU A 212 18.36 14.11 -15.44
C LEU A 212 19.50 14.41 -14.47
N PRO A 213 19.67 13.57 -13.45
CA PRO A 213 20.76 13.81 -12.50
C PRO A 213 22.14 13.62 -13.13
N TYR A 214 23.14 14.28 -12.56
CA TYR A 214 24.53 14.12 -12.98
C TYR A 214 24.75 14.55 -14.43
N SER A 215 24.25 15.74 -14.78
CA SER A 215 24.46 16.28 -16.11
C SER A 215 25.91 16.73 -16.26
N ASN A 216 26.52 17.09 -15.14
CA ASN A 216 27.90 17.55 -15.12
C ASN A 216 28.87 16.42 -15.48
N ILE A 217 28.63 15.24 -14.91
CA ILE A 217 29.50 14.09 -15.11
C ILE A 217 29.07 13.28 -16.33
N ASN A 218 30.04 12.92 -17.16
CA ASN A 218 29.79 12.20 -18.40
C ASN A 218 30.13 10.71 -18.31
N ASN A 219 31.19 10.39 -17.58
CA ASN A 219 31.64 9.00 -17.46
C ASN A 219 30.65 8.11 -16.72
N ARG A 220 30.22 7.04 -17.36
CA ARG A 220 29.32 6.08 -16.73
C ARG A 220 30.07 5.28 -15.67
N ASP A 221 31.34 5.01 -15.93
CA ASP A 221 32.17 4.26 -15.00
C ASP A 221 32.41 5.06 -13.72
N GLN A 222 32.47 6.39 -13.85
CA GLN A 222 32.76 7.24 -12.70
C GLN A 222 31.52 7.40 -11.82
N ILE A 223 30.35 7.44 -12.45
CA ILE A 223 29.09 7.53 -11.72
C ILE A 223 28.88 6.26 -10.88
N ILE A 224 29.23 5.11 -11.45
CA ILE A 224 29.18 3.83 -10.75
C ILE A 224 29.99 3.88 -9.46
N GLU A 225 31.24 4.34 -9.59
CA GLU A 225 32.16 4.42 -8.46
C GLU A 225 31.71 5.42 -7.39
N MET A 226 31.22 6.58 -7.83
CA MET A 226 30.91 7.67 -6.90
C MET A 226 29.56 7.52 -6.19
N VAL A 227 28.55 7.04 -6.90
CA VAL A 227 27.25 6.83 -6.29
C VAL A 227 27.31 5.67 -5.29
N GLY A 228 28.04 4.62 -5.67
CA GLY A 228 28.26 3.49 -4.79
C GLY A 228 29.10 3.87 -3.59
N ARG A 229 30.10 4.72 -3.82
CA ARG A 229 30.96 5.24 -2.76
C ARG A 229 30.13 6.07 -1.78
N GLY A 230 29.23 6.88 -2.32
CA GLY A 230 28.37 7.72 -1.51
C GLY A 230 28.79 9.18 -1.57
N SER A 231 29.73 9.48 -2.45
CA SER A 231 30.27 10.84 -2.57
C SER A 231 29.58 11.65 -3.67
N LEU A 232 28.60 11.04 -4.33
CA LEU A 232 27.85 11.74 -5.37
C LEU A 232 26.33 11.57 -5.19
N SER A 233 25.65 12.71 -5.04
CA SER A 233 24.21 12.71 -4.85
C SER A 233 23.56 13.73 -5.78
N PRO A 234 22.28 13.52 -6.13
CA PRO A 234 21.55 14.49 -6.95
C PRO A 234 21.57 15.90 -6.34
N ASP A 235 21.79 16.91 -7.17
CA ASP A 235 21.86 18.29 -6.70
C ASP A 235 20.47 18.87 -6.52
N LEU A 236 20.01 18.93 -5.28
CA LEU A 236 18.67 19.41 -4.97
C LEU A 236 18.55 20.92 -5.20
N SER A 237 19.68 21.57 -5.47
CA SER A 237 19.71 23.00 -5.71
C SER A 237 19.06 23.38 -7.04
N LYS A 238 19.04 22.45 -7.97
CA LYS A 238 18.58 22.74 -9.33
C LYS A 238 17.06 22.57 -9.48
N VAL A 239 16.35 22.45 -8.36
CA VAL A 239 14.90 22.40 -8.40
C VAL A 239 14.33 23.78 -8.70
N ARG A 240 13.16 23.81 -9.33
CA ARG A 240 12.53 25.07 -9.69
C ARG A 240 12.08 25.84 -8.45
N SER A 241 12.08 27.16 -8.56
CA SER A 241 11.78 28.03 -7.42
C SER A 241 10.35 27.87 -6.90
N ASN A 242 9.44 27.47 -7.78
CA ASN A 242 8.05 27.30 -7.40
C ASN A 242 7.77 25.90 -6.83
N CYS A 243 8.83 25.17 -6.50
CA CYS A 243 8.68 23.86 -5.88
C CYS A 243 8.47 24.00 -4.37
N PRO A 244 7.40 23.39 -3.85
CA PRO A 244 7.09 23.45 -2.42
C PRO A 244 8.20 22.84 -1.58
N LYS A 245 8.48 23.43 -0.43
CA LYS A 245 9.61 23.00 0.40
C LYS A 245 9.40 21.61 0.98
N ARG A 246 8.14 21.26 1.24
CA ARG A 246 7.82 19.94 1.77
C ARG A 246 8.17 18.86 0.74
N MET A 247 8.03 19.20 -0.53
CA MET A 247 8.36 18.28 -1.62
C MET A 247 9.86 18.03 -1.71
N LYS A 248 10.65 19.07 -1.43
CA LYS A 248 12.10 19.00 -1.60
C LYS A 248 12.77 18.07 -0.59
N ARG A 249 12.43 18.20 0.69
CA ARG A 249 13.05 17.39 1.72
C ARG A 249 12.47 15.98 1.74
N LEU A 250 11.24 15.83 1.23
CA LEU A 250 10.67 14.51 1.01
C LEU A 250 11.51 13.79 -0.04
N MET A 251 11.87 14.52 -1.08
CA MET A 251 12.73 14.01 -2.13
C MET A 251 14.10 13.65 -1.56
N ALA A 252 14.57 14.43 -0.60
CA ALA A 252 15.85 14.19 0.04
C ALA A 252 15.83 12.90 0.87
N GLU A 253 14.68 12.61 1.47
CA GLU A 253 14.52 11.41 2.28
C GLU A 253 14.51 10.15 1.42
N CYS A 254 13.99 10.27 0.21
CA CYS A 254 13.94 9.15 -0.71
C CYS A 254 15.31 8.85 -1.32
N LEU A 255 16.18 9.86 -1.30
CA LEU A 255 17.49 9.75 -1.93
C LEU A 255 18.60 9.43 -0.95
N LYS A 256 18.25 9.22 0.32
CA LYS A 256 19.22 8.88 1.34
C LYS A 256 19.92 7.55 1.02
N LYS A 257 21.20 7.46 1.36
CA LYS A 257 22.02 6.31 1.00
C LYS A 257 21.51 5.01 1.64
N LYS A 258 21.45 4.98 2.97
CA LYS A 258 20.98 3.79 3.68
C LYS A 258 19.52 3.50 3.34
N ARG A 259 19.27 2.29 2.88
CA ARG A 259 17.91 1.87 2.53
C ARG A 259 17.02 1.75 3.76
N ASP A 260 17.66 1.71 4.93
CA ASP A 260 16.95 1.61 6.20
C ASP A 260 16.17 2.88 6.53
N GLU A 261 16.74 4.03 6.17
CA GLU A 261 16.16 5.31 6.54
C GLU A 261 15.16 5.86 5.52
N ARG A 262 14.98 5.15 4.42
CA ARG A 262 14.06 5.59 3.38
C ARG A 262 12.61 5.34 3.78
N PRO A 263 11.73 6.31 3.48
CA PRO A 263 10.30 6.18 3.80
C PRO A 263 9.59 5.17 2.92
N SER A 264 8.58 4.51 3.46
CA SER A 264 7.77 3.58 2.69
C SER A 264 6.79 4.34 1.80
N PHE A 265 6.31 3.70 0.74
CA PHE A 265 5.34 4.33 -0.14
C PHE A 265 4.01 4.71 0.53
N PRO A 266 3.55 3.95 1.54
CA PRO A 266 2.38 4.44 2.28
C PRO A 266 2.55 5.84 2.88
N ARG A 267 3.71 6.15 3.45
CA ARG A 267 3.92 7.48 4.02
C ARG A 267 4.42 8.47 2.96
N ILE A 268 4.90 7.95 1.83
CA ILE A 268 5.22 8.81 0.70
C ILE A 268 3.94 9.36 0.11
N LEU A 269 3.00 8.45 -0.17
CA LEU A 269 1.71 8.81 -0.74
C LEU A 269 0.91 9.69 0.21
N ALA A 270 1.17 9.55 1.51
CA ALA A 270 0.44 10.30 2.52
C ALA A 270 0.84 11.76 2.56
N GLU A 271 2.14 12.03 2.50
CA GLU A 271 2.64 13.40 2.62
C GLU A 271 2.48 14.16 1.31
N ILE A 272 2.48 13.45 0.19
CA ILE A 272 2.31 14.08 -1.11
C ILE A 272 0.88 14.58 -1.32
N GLU A 273 -0.09 13.71 -1.04
CA GLU A 273 -1.49 14.04 -1.26
C GLU A 273 -1.99 15.08 -0.28
N GLU A 274 -1.33 15.20 0.87
CA GLU A 274 -1.68 16.20 1.87
C GLU A 274 -0.96 17.50 1.55
N LEU A 275 0.10 17.41 0.76
CA LEU A 275 0.84 18.57 0.30
C LEU A 275 0.08 19.29 -0.82
N ALA A 276 -0.64 18.52 -1.62
CA ALA A 276 -1.36 19.05 -2.76
C ALA A 276 -2.52 19.95 -2.33
N ARG A 277 -3.07 19.68 -1.16
CA ARG A 277 -4.21 20.44 -0.66
C ARG A 277 -3.79 21.64 0.17
N GLU A 278 -2.50 21.72 0.49
CA GLU A 278 -1.96 22.89 1.19
C GLU A 278 -1.83 24.06 0.22
N LEU A 279 -1.19 23.81 -0.91
CA LEU A 279 -1.00 24.84 -1.94
C LEU A 279 -2.32 25.19 -2.61
N ASP B 7 -21.86 15.31 -4.89
CA ASP B 7 -22.60 14.90 -3.70
C ASP B 7 -22.19 13.49 -3.28
N TRP B 8 -21.89 13.32 -2.00
CA TRP B 8 -21.45 12.03 -1.48
C TRP B 8 -22.55 11.33 -0.68
N GLU B 9 -23.67 12.02 -0.47
CA GLU B 9 -24.77 11.46 0.31
C GLU B 9 -25.59 10.47 -0.52
N ILE B 10 -25.90 9.33 0.10
CA ILE B 10 -26.74 8.32 -0.54
C ILE B 10 -28.21 8.71 -0.43
N PRO B 11 -28.87 8.93 -1.58
CA PRO B 11 -30.32 9.17 -1.57
C PRO B 11 -31.06 7.97 -0.97
N ASP B 12 -32.03 8.26 -0.10
CA ASP B 12 -32.72 7.21 0.65
C ASP B 12 -33.47 6.24 -0.26
N GLY B 13 -33.33 4.95 0.01
CA GLY B 13 -34.08 3.94 -0.70
C GLY B 13 -33.25 2.98 -1.54
N GLN B 14 -32.22 3.50 -2.20
CA GLN B 14 -31.46 2.69 -3.15
C GLN B 14 -30.53 1.69 -2.45
N ILE B 15 -30.39 1.84 -1.14
CA ILE B 15 -29.65 0.84 -0.37
C ILE B 15 -30.62 0.00 0.47
N THR B 16 -30.68 -1.29 0.17
CA THR B 16 -31.53 -2.21 0.91
C THR B 16 -30.72 -2.95 1.98
N VAL B 17 -31.06 -2.70 3.24
CA VAL B 17 -30.32 -3.26 4.37
C VAL B 17 -30.44 -4.79 4.44
N GLY B 18 -29.31 -5.45 4.66
CA GLY B 18 -29.29 -6.90 4.69
C GLY B 18 -29.04 -7.49 6.07
N GLN B 19 -28.11 -8.45 6.13
CA GLN B 19 -27.87 -9.22 7.34
C GLN B 19 -26.81 -8.58 8.26
N ARG B 20 -27.01 -8.74 9.57
CA ARG B 20 -26.10 -8.20 10.57
C ARG B 20 -24.78 -8.97 10.59
N ILE B 21 -23.67 -8.24 10.48
CA ILE B 21 -22.35 -8.86 10.49
C ILE B 21 -21.68 -8.71 11.85
N GLY B 22 -22.23 -7.83 12.68
CA GLY B 22 -21.70 -7.64 14.02
C GLY B 22 -21.47 -6.18 14.39
N SER B 23 -20.97 -5.96 15.60
CA SER B 23 -20.75 -4.62 16.11
C SER B 23 -19.52 -3.96 15.49
N GLY B 24 -19.32 -2.69 15.81
CA GLY B 24 -18.18 -1.93 15.31
C GLY B 24 -18.06 -0.63 16.06
N SER B 25 -17.19 0.26 15.58
CA SER B 25 -16.99 1.56 16.21
C SER B 25 -18.24 2.43 16.05
N PHE B 26 -18.90 2.71 17.18
CA PHE B 26 -20.09 3.55 17.23
C PHE B 26 -21.28 3.02 16.43
N GLY B 27 -21.21 1.77 15.97
CA GLY B 27 -22.30 1.22 15.17
C GLY B 27 -22.25 -0.26 14.90
N THR B 28 -23.35 -0.78 14.35
CA THR B 28 -23.46 -2.19 13.99
C THR B 28 -23.35 -2.35 12.47
N VAL B 29 -22.47 -3.26 12.05
CA VAL B 29 -22.17 -3.43 10.63
C VAL B 29 -23.12 -4.41 9.93
N TYR B 30 -23.69 -3.97 8.82
CA TYR B 30 -24.56 -4.80 8.01
C TYR B 30 -24.02 -4.95 6.59
N LYS B 31 -24.50 -5.96 5.87
CA LYS B 31 -24.23 -6.08 4.45
C LYS B 31 -25.35 -5.41 3.67
N GLY B 32 -25.02 -4.70 2.60
CA GLY B 32 -26.02 -3.95 1.86
C GLY B 32 -25.93 -4.08 0.36
N LYS B 33 -26.98 -3.64 -0.32
CA LYS B 33 -27.00 -3.66 -1.78
C LYS B 33 -27.11 -2.24 -2.36
N TRP B 34 -25.98 -1.72 -2.81
CA TRP B 34 -25.96 -0.46 -3.54
C TRP B 34 -25.23 -0.67 -4.86
N HIS B 35 -25.99 -0.90 -5.93
CA HIS B 35 -25.44 -1.27 -7.24
C HIS B 35 -24.62 -2.56 -7.14
N GLY B 36 -24.82 -3.30 -6.06
CA GLY B 36 -24.01 -4.47 -5.77
C GLY B 36 -23.69 -4.56 -4.29
N ASP B 37 -22.79 -5.46 -3.92
CA ASP B 37 -22.45 -5.69 -2.52
C ASP B 37 -21.69 -4.52 -1.90
N VAL B 38 -22.23 -3.99 -0.80
CA VAL B 38 -21.54 -2.99 0.00
C VAL B 38 -21.66 -3.32 1.49
N ALA B 39 -21.03 -2.52 2.33
CA ALA B 39 -21.12 -2.71 3.77
C ALA B 39 -21.53 -1.41 4.45
N VAL B 40 -22.43 -1.52 5.44
CA VAL B 40 -22.99 -0.35 6.09
C VAL B 40 -22.85 -0.41 7.61
N LYS B 41 -22.26 0.65 8.17
CA LYS B 41 -22.17 0.77 9.62
C LYS B 41 -23.25 1.71 10.15
N MET B 42 -24.24 1.14 10.83
CA MET B 42 -25.36 1.90 11.37
C MET B 42 -24.99 2.60 12.68
N LEU B 43 -24.67 3.89 12.60
CA LEU B 43 -24.37 4.66 13.80
C LEU B 43 -25.58 4.73 14.73
N ASN B 44 -25.32 4.85 16.03
CA ASN B 44 -26.38 4.81 17.03
C ASN B 44 -27.20 6.10 17.11
N VAL B 45 -27.01 6.99 16.13
CA VAL B 45 -27.74 8.25 16.08
C VAL B 45 -28.83 8.20 15.01
N THR B 46 -30.06 8.49 15.41
CA THR B 46 -31.20 8.43 14.50
C THR B 46 -31.54 9.81 13.93
N ALA B 47 -32.20 10.63 14.75
CA ALA B 47 -32.57 11.98 14.34
C ALA B 47 -31.54 12.98 14.87
N PRO B 48 -30.59 13.36 14.01
CA PRO B 48 -29.44 14.17 14.44
C PRO B 48 -29.78 15.63 14.71
N THR B 49 -29.30 16.14 15.83
CA THR B 49 -29.40 17.56 16.14
C THR B 49 -28.52 18.33 15.16
N PRO B 50 -28.81 19.63 14.95
CA PRO B 50 -28.00 20.43 14.02
C PRO B 50 -26.51 20.49 14.41
N GLN B 51 -26.22 20.21 15.68
CA GLN B 51 -24.84 20.22 16.16
C GLN B 51 -24.11 18.92 15.80
N GLN B 52 -24.73 17.79 16.08
CA GLN B 52 -24.10 16.49 15.83
C GLN B 52 -24.15 16.11 14.35
N LEU B 53 -25.10 16.67 13.61
CA LEU B 53 -25.18 16.45 12.18
C LEU B 53 -23.97 17.08 11.51
N GLN B 54 -23.56 18.23 12.05
CA GLN B 54 -22.38 18.94 11.55
C GLN B 54 -21.11 18.13 11.79
N ALA B 55 -21.03 17.49 12.96
CA ALA B 55 -19.86 16.71 13.34
C ALA B 55 -19.68 15.50 12.43
N PHE B 56 -20.78 14.85 12.09
CA PHE B 56 -20.75 13.68 11.21
C PHE B 56 -20.32 14.09 9.81
N LYS B 57 -20.89 15.20 9.31
CA LYS B 57 -20.49 15.74 8.02
C LYS B 57 -19.03 16.18 8.05
N ASN B 58 -18.60 16.70 9.20
CA ASN B 58 -17.22 17.13 9.37
C ASN B 58 -16.24 15.97 9.30
N GLU B 59 -16.71 14.79 9.69
CA GLU B 59 -15.84 13.62 9.71
C GLU B 59 -15.92 12.84 8.40
N VAL B 60 -17.04 12.96 7.71
CA VAL B 60 -17.18 12.37 6.38
C VAL B 60 -16.22 13.06 5.42
N GLY B 61 -16.08 14.36 5.59
CA GLY B 61 -15.13 15.14 4.80
C GLY B 61 -13.71 14.69 5.02
N VAL B 62 -13.44 14.16 6.21
CA VAL B 62 -12.13 13.61 6.54
C VAL B 62 -11.97 12.23 5.91
N LEU B 63 -13.07 11.49 5.82
CA LEU B 63 -13.06 10.14 5.28
C LEU B 63 -12.71 10.12 3.79
N ARG B 64 -13.33 11.01 3.01
CA ARG B 64 -13.12 11.01 1.58
C ARG B 64 -11.77 11.58 1.18
N LYS B 65 -11.10 12.24 2.12
CA LYS B 65 -9.74 12.71 1.88
C LYS B 65 -8.74 11.75 2.52
N THR B 66 -9.24 10.58 2.91
CA THR B 66 -8.41 9.53 3.50
C THR B 66 -8.45 8.29 2.62
N HIS B 67 -7.47 8.15 1.74
CA HIS B 67 -7.46 7.08 0.75
C HIS B 67 -6.14 6.30 0.72
N HIS B 68 -6.24 4.99 0.91
CA HIS B 68 -5.08 4.11 0.76
C HIS B 68 -5.55 2.70 0.39
N VAL B 69 -4.71 1.97 -0.32
CA VAL B 69 -5.08 0.64 -0.82
C VAL B 69 -5.20 -0.38 0.31
N ASN B 70 -4.52 -0.11 1.43
CA ASN B 70 -4.54 -1.04 2.55
C ASN B 70 -5.47 -0.59 3.68
N ILE B 71 -6.26 0.44 3.42
CA ILE B 71 -7.34 0.82 4.33
C ILE B 71 -8.66 0.78 3.59
N LEU B 72 -9.75 0.66 4.34
CA LEU B 72 -11.07 0.46 3.78
C LEU B 72 -11.52 1.62 2.89
N LEU B 73 -12.13 1.30 1.76
CA LEU B 73 -12.54 2.31 0.79
C LEU B 73 -13.91 2.89 1.14
N PHE B 74 -13.96 4.20 1.33
CA PHE B 74 -15.19 4.89 1.65
C PHE B 74 -16.00 5.18 0.40
N MET B 75 -17.29 4.83 0.43
CA MET B 75 -18.16 5.03 -0.73
C MET B 75 -19.15 6.18 -0.53
N GLY B 76 -19.85 6.19 0.60
CA GLY B 76 -20.81 7.24 0.88
C GLY B 76 -21.45 7.16 2.25
N TYR B 77 -22.38 8.08 2.51
CA TYR B 77 -23.09 8.11 3.79
C TYR B 77 -24.58 8.35 3.57
N SER B 78 -25.37 8.04 4.58
CA SER B 78 -26.81 8.32 4.57
C SER B 78 -27.25 8.89 5.91
N THR B 79 -28.41 9.53 5.93
CA THR B 79 -28.90 10.17 7.14
C THR B 79 -30.21 9.56 7.63
N LYS B 80 -31.13 9.34 6.69
CA LYS B 80 -32.40 8.71 7.02
C LYS B 80 -32.40 7.25 6.58
N PRO B 81 -32.94 6.35 7.42
CA PRO B 81 -33.53 6.66 8.72
C PRO B 81 -32.51 6.70 9.85
N GLN B 82 -31.23 6.61 9.50
CA GLN B 82 -30.17 6.46 10.48
C GLN B 82 -28.83 6.86 9.89
N LEU B 83 -27.98 7.49 10.71
CA LEU B 83 -26.64 7.82 10.27
C LEU B 83 -25.87 6.56 9.92
N ALA B 84 -25.39 6.50 8.68
CA ALA B 84 -24.70 5.31 8.21
C ALA B 84 -23.44 5.67 7.40
N ILE B 85 -22.47 4.76 7.40
CA ILE B 85 -21.25 4.95 6.64
C ILE B 85 -21.04 3.76 5.70
N VAL B 86 -21.21 4.01 4.39
CA VAL B 86 -21.11 2.94 3.41
C VAL B 86 -19.68 2.77 2.90
N THR B 87 -19.17 1.55 3.00
CA THR B 87 -17.84 1.24 2.51
C THR B 87 -17.88 0.03 1.57
N GLN B 88 -16.73 -0.31 1.01
CA GLN B 88 -16.65 -1.45 0.09
C GLN B 88 -16.83 -2.77 0.83
N TRP B 89 -17.25 -3.80 0.09
CA TRP B 89 -17.43 -5.12 0.68
C TRP B 89 -16.22 -5.99 0.43
N CYS B 90 -15.84 -6.76 1.45
CA CYS B 90 -14.70 -7.65 1.36
C CYS B 90 -15.14 -9.11 1.54
N GLU B 91 -15.23 -9.85 0.43
CA GLU B 91 -15.72 -11.22 0.49
C GLU B 91 -14.60 -12.20 0.83
N GLY B 92 -13.68 -11.77 1.67
CA GLY B 92 -12.69 -12.63 2.28
C GLY B 92 -12.95 -12.57 3.77
N SER B 93 -14.07 -11.92 4.12
CA SER B 93 -14.47 -11.69 5.49
C SER B 93 -13.38 -10.96 6.28
N SER B 94 -13.45 -11.06 7.61
CA SER B 94 -12.45 -10.45 8.46
C SER B 94 -11.30 -11.41 8.72
N LEU B 95 -10.16 -10.88 9.14
CA LEU B 95 -9.00 -11.71 9.45
C LEU B 95 -9.30 -12.60 10.65
N TYR B 96 -10.11 -12.07 11.58
CA TYR B 96 -10.46 -12.78 12.80
C TYR B 96 -11.17 -14.10 12.55
N HIS B 97 -12.05 -14.12 11.55
CA HIS B 97 -12.83 -15.31 11.25
C HIS B 97 -12.06 -16.28 10.34
N HIS B 98 -11.06 -15.76 9.64
CA HIS B 98 -10.21 -16.58 8.80
C HIS B 98 -9.01 -17.13 9.59
N LEU B 99 -8.91 -16.71 10.85
CA LEU B 99 -7.74 -17.05 11.66
C LEU B 99 -8.08 -18.00 12.80
N HIS B 100 -9.18 -17.71 13.50
CA HIS B 100 -9.53 -18.47 14.69
C HIS B 100 -10.54 -19.56 14.40
N ALA B 101 -10.73 -19.84 13.11
CA ALA B 101 -11.33 -21.08 12.68
C ALA B 101 -10.19 -22.06 12.44
N SER B 102 -10.40 -23.32 12.83
CA SER B 102 -9.34 -24.33 12.82
C SER B 102 -8.72 -24.56 11.45
N GLU B 103 -7.40 -24.43 11.39
CA GLU B 103 -6.64 -24.67 10.17
C GLU B 103 -7.34 -24.11 8.94
N THR B 104 -7.09 -22.84 8.63
CA THR B 104 -7.75 -22.19 7.51
C THR B 104 -6.80 -21.49 6.54
N LYS B 105 -6.77 -22.03 5.33
CA LYS B 105 -6.19 -21.38 4.15
C LYS B 105 -4.71 -21.00 4.19
N PHE B 106 -4.35 -20.18 5.17
CA PHE B 106 -3.15 -19.36 5.09
C PHE B 106 -1.85 -20.10 5.34
N GLU B 107 -1.04 -20.13 4.29
CA GLU B 107 0.34 -20.55 4.36
C GLU B 107 1.14 -19.51 5.13
N MET B 108 2.37 -19.84 5.46
CA MET B 108 3.24 -18.96 6.23
C MET B 108 3.67 -17.70 5.46
N LYS B 109 3.89 -17.87 4.16
CA LYS B 109 4.32 -16.77 3.30
C LYS B 109 3.25 -15.67 3.23
N LYS B 110 1.99 -16.07 3.22
CA LYS B 110 0.88 -15.12 3.19
C LYS B 110 0.54 -14.64 4.58
N LEU B 111 0.93 -15.41 5.59
CA LEU B 111 0.73 -15.05 6.99
C LEU B 111 1.52 -13.80 7.32
N ILE B 112 2.74 -13.71 6.78
CA ILE B 112 3.59 -12.54 6.97
C ILE B 112 3.11 -11.39 6.09
N ASP B 113 2.57 -11.72 4.92
CA ASP B 113 2.12 -10.71 3.97
C ASP B 113 0.93 -9.94 4.50
N ILE B 114 0.02 -10.63 5.19
CA ILE B 114 -1.12 -9.98 5.82
C ILE B 114 -0.65 -8.97 6.86
N ALA B 115 0.30 -9.38 7.70
CA ALA B 115 0.89 -8.50 8.69
C ALA B 115 1.62 -7.36 8.01
N ARG B 116 2.24 -7.65 6.87
CA ARG B 116 2.97 -6.64 6.10
C ARG B 116 2.03 -5.57 5.58
N GLN B 117 0.97 -5.98 4.91
CA GLN B 117 -0.01 -5.06 4.37
C GLN B 117 -0.72 -4.30 5.48
N THR B 118 -0.88 -4.96 6.63
CA THR B 118 -1.51 -4.34 7.78
C THR B 118 -0.65 -3.21 8.33
N ALA B 119 0.66 -3.45 8.41
CA ALA B 119 1.60 -2.44 8.88
C ALA B 119 1.64 -1.26 7.92
N ARG B 120 1.51 -1.55 6.63
CA ARG B 120 1.49 -0.51 5.60
C ARG B 120 0.29 0.41 5.77
N GLY B 121 -0.87 -0.17 6.06
CA GLY B 121 -2.09 0.59 6.26
C GLY B 121 -2.04 1.44 7.51
N MET B 122 -1.32 0.94 8.52
CA MET B 122 -1.12 1.68 9.76
C MET B 122 -0.06 2.77 9.59
N ASP B 123 0.95 2.49 8.77
CA ASP B 123 2.01 3.45 8.49
C ASP B 123 1.42 4.67 7.77
N TYR B 124 0.38 4.44 6.98
CA TYR B 124 -0.33 5.51 6.28
C TYR B 124 -1.18 6.33 7.26
N LEU B 125 -1.92 5.64 8.11
CA LEU B 125 -2.80 6.28 9.08
C LEU B 125 -2.01 7.13 10.07
N HIS B 126 -0.88 6.60 10.52
CA HIS B 126 -0.02 7.32 11.45
C HIS B 126 0.67 8.51 10.79
N ALA B 127 0.95 8.36 9.49
CA ALA B 127 1.54 9.45 8.71
C ALA B 127 0.58 10.63 8.60
N LYS B 128 -0.72 10.33 8.61
CA LYS B 128 -1.74 11.38 8.56
C LYS B 128 -2.18 11.78 9.97
N SER B 129 -1.35 11.44 10.95
CA SER B 129 -1.58 11.78 12.34
C SER B 129 -2.92 11.23 12.85
N ILE B 130 -3.29 10.04 12.39
CA ILE B 130 -4.53 9.41 12.82
C ILE B 130 -4.26 8.22 13.72
N ILE B 131 -4.79 8.28 14.95
CA ILE B 131 -4.70 7.15 15.87
C ILE B 131 -5.94 6.27 15.71
N HIS B 132 -5.72 4.98 15.50
CA HIS B 132 -6.81 4.06 15.20
C HIS B 132 -7.69 3.78 16.41
N ARG B 133 -7.05 3.42 17.52
CA ARG B 133 -7.73 3.17 18.80
C ARG B 133 -8.70 1.98 18.76
N ASP B 134 -8.68 1.20 17.68
CA ASP B 134 -9.61 0.09 17.53
C ASP B 134 -9.04 -1.07 16.73
N LEU B 135 -7.72 -1.14 16.62
CA LEU B 135 -7.09 -2.15 15.78
C LEU B 135 -7.25 -3.56 16.33
N LYS B 136 -8.15 -4.32 15.70
CA LYS B 136 -8.37 -5.71 16.03
C LYS B 136 -8.26 -6.56 14.77
N SER B 137 -8.25 -7.88 14.92
CA SER B 137 -8.22 -8.79 13.78
C SER B 137 -9.60 -8.82 13.15
N ASN B 138 -10.58 -8.33 13.90
CA ASN B 138 -11.96 -8.23 13.45
C ASN B 138 -12.20 -6.98 12.62
N ASN B 139 -11.26 -6.03 12.71
CA ASN B 139 -11.34 -4.84 11.87
C ASN B 139 -10.36 -4.93 10.69
N ILE B 140 -9.67 -6.06 10.60
CA ILE B 140 -8.76 -6.33 9.48
C ILE B 140 -9.46 -7.24 8.48
N PHE B 141 -9.76 -6.70 7.31
CA PHE B 141 -10.55 -7.43 6.32
C PHE B 141 -9.72 -7.89 5.12
N LEU B 142 -10.17 -8.97 4.49
CA LEU B 142 -9.52 -9.51 3.31
C LEU B 142 -10.38 -9.29 2.08
N HIS B 143 -9.86 -8.55 1.10
CA HIS B 143 -10.59 -8.29 -0.12
C HIS B 143 -10.41 -9.46 -1.08
N GLU B 144 -11.10 -9.41 -2.22
CA GLU B 144 -10.96 -10.44 -3.23
C GLU B 144 -9.67 -10.24 -4.01
N ASP B 145 -9.02 -9.09 -3.79
CA ASP B 145 -7.75 -8.78 -4.43
C ASP B 145 -6.59 -9.37 -3.64
N ASN B 146 -6.92 -10.16 -2.63
CA ASN B 146 -5.95 -10.61 -1.64
C ASN B 146 -5.22 -9.43 -1.02
N THR B 147 -5.96 -8.34 -0.85
CA THR B 147 -5.41 -7.11 -0.30
C THR B 147 -6.08 -6.78 1.03
N VAL B 148 -5.27 -6.54 2.05
CA VAL B 148 -5.77 -6.28 3.40
C VAL B 148 -6.42 -4.89 3.50
N LYS B 149 -7.62 -4.85 4.07
CA LYS B 149 -8.34 -3.59 4.25
C LYS B 149 -8.62 -3.31 5.73
N ILE B 150 -8.02 -2.24 6.25
CA ILE B 150 -8.19 -1.87 7.65
C ILE B 150 -9.42 -0.98 7.83
N GLY B 151 -10.26 -1.33 8.81
CA GLY B 151 -11.48 -0.59 9.08
C GLY B 151 -11.56 -0.01 10.48
N ASP B 152 -12.64 0.71 10.75
CA ASP B 152 -12.89 1.35 12.03
C ASP B 152 -11.78 2.32 12.43
N PHE B 153 -11.21 3.01 11.45
CA PHE B 153 -10.22 4.03 11.72
C PHE B 153 -10.88 5.41 11.69
N GLY B 154 -12.04 5.50 11.06
CA GLY B 154 -12.78 6.73 10.95
C GLY B 154 -13.32 7.22 12.28
N LEU B 155 -13.87 8.44 12.28
CA LEU B 155 -14.44 9.06 13.48
C LEU B 155 -13.39 9.19 14.59
N ALA B 156 -12.13 9.37 14.21
CA ALA B 156 -11.03 9.44 15.16
C ALA B 156 -11.12 10.70 16.02
N THR B 157 -11.52 11.82 15.41
CA THR B 157 -11.62 13.08 16.14
C THR B 157 -12.81 13.04 17.10
N VAL B 158 -13.76 12.16 16.83
CA VAL B 158 -14.94 12.03 17.67
C VAL B 158 -14.67 11.04 18.81
N LYS B 159 -13.80 10.07 18.55
CA LYS B 159 -13.44 9.06 19.55
C LYS B 159 -12.79 9.70 20.79
N SER B 160 -11.98 10.73 20.56
CA SER B 160 -11.26 11.38 21.64
C SER B 160 -12.04 12.52 22.28
N ARG B 161 -13.06 13.00 21.58
CA ARG B 161 -13.85 14.12 22.07
C ARG B 161 -15.06 13.66 22.87
N TRP B 162 -16.07 13.15 22.17
CA TRP B 162 -17.29 12.67 22.81
C TRP B 162 -17.52 11.20 22.55
N SER B 163 -16.97 10.32 23.38
CA SER B 163 -16.07 10.70 24.46
C SER B 163 -14.92 9.70 24.58
N GLY B 164 -13.84 10.12 25.22
CA GLY B 164 -12.69 9.23 25.43
C GLY B 164 -13.05 8.10 26.37
N SER B 165 -13.90 8.41 27.35
CA SER B 165 -14.34 7.44 28.35
C SER B 165 -15.43 6.53 27.79
N HIS B 166 -16.34 7.11 27.00
CA HIS B 166 -17.45 6.36 26.42
C HIS B 166 -16.93 5.33 25.41
N GLN B 167 -15.90 5.69 24.66
CA GLN B 167 -15.34 4.81 23.66
C GLN B 167 -14.51 3.70 24.31
N PHE B 168 -14.08 3.95 25.54
CA PHE B 168 -13.38 2.94 26.34
C PHE B 168 -14.35 1.91 26.88
N GLU B 169 -15.53 2.38 27.28
CA GLU B 169 -16.59 1.51 27.78
C GLU B 169 -17.01 0.49 26.72
N GLN B 170 -17.20 0.98 25.50
CA GLN B 170 -17.61 0.11 24.38
C GLN B 170 -16.46 -0.80 23.95
N LEU B 171 -15.23 -0.29 24.04
CA LEU B 171 -14.06 -1.07 23.70
C LEU B 171 -13.82 -2.19 24.70
N SER B 172 -14.59 -2.19 25.79
CA SER B 172 -14.53 -3.26 26.76
C SER B 172 -15.37 -4.47 26.33
N GLY B 173 -15.51 -4.63 25.03
CA GLY B 173 -16.13 -5.82 24.46
C GLY B 173 -15.02 -6.74 23.96
N SER B 174 -13.90 -6.14 23.59
CA SER B 174 -12.71 -6.88 23.16
C SER B 174 -11.45 -6.29 23.78
N ILE B 175 -11.03 -6.86 24.92
CA ILE B 175 -9.90 -6.34 25.68
C ILE B 175 -8.57 -6.88 25.15
N LEU B 176 -8.63 -8.00 24.44
CA LEU B 176 -7.44 -8.73 24.01
C LEU B 176 -6.44 -7.90 23.21
N TRP B 177 -6.88 -6.77 22.66
CA TRP B 177 -6.02 -5.91 21.87
C TRP B 177 -5.65 -4.63 22.61
N MET B 178 -6.24 -4.44 23.79
CA MET B 178 -5.96 -3.26 24.60
C MET B 178 -4.58 -3.31 25.25
N ALA B 179 -3.84 -2.22 25.11
CA ALA B 179 -2.54 -2.10 25.77
C ALA B 179 -2.72 -1.96 27.28
N PRO B 180 -1.70 -2.35 28.05
CA PRO B 180 -1.77 -2.26 29.52
C PRO B 180 -2.13 -0.87 30.02
N GLU B 181 -1.74 0.17 29.30
CA GLU B 181 -2.05 1.53 29.70
C GLU B 181 -3.47 1.93 29.29
N VAL B 182 -4.00 1.26 28.28
CA VAL B 182 -5.35 1.54 27.80
C VAL B 182 -6.37 1.01 28.82
N ILE B 183 -5.97 0.01 29.59
CA ILE B 183 -6.84 -0.58 30.60
C ILE B 183 -6.90 0.26 31.88
N ARG B 184 -5.74 0.56 32.45
CA ARG B 184 -5.65 1.31 33.69
C ARG B 184 -5.78 2.81 33.45
N MET B 185 -6.09 3.17 32.20
CA MET B 185 -6.24 4.56 31.76
C MET B 185 -4.94 5.36 31.94
N GLN B 186 -5.06 6.56 32.53
CA GLN B 186 -3.99 7.54 32.84
C GLN B 186 -4.52 8.92 32.49
N PRO B 190 -3.73 8.27 27.17
CA PRO B 190 -3.75 6.81 27.19
C PRO B 190 -3.67 6.21 25.79
N TYR B 191 -4.38 6.81 24.84
CA TYR B 191 -4.35 6.38 23.46
C TYR B 191 -3.22 7.08 22.70
N SER B 192 -2.34 6.30 22.11
CA SER B 192 -1.19 6.85 21.41
C SER B 192 -0.87 6.04 20.16
N PHE B 193 0.23 6.40 19.48
CA PHE B 193 0.74 5.58 18.39
C PHE B 193 1.22 4.25 18.94
N GLN B 194 1.78 4.30 20.14
CA GLN B 194 2.32 3.12 20.80
C GLN B 194 1.21 2.14 21.18
N SER B 195 0.04 2.67 21.49
CA SER B 195 -1.10 1.83 21.85
C SER B 195 -1.58 1.01 20.65
N ASP B 196 -1.49 1.60 19.46
CA ASP B 196 -1.84 0.89 18.23
C ASP B 196 -0.80 -0.19 17.93
N VAL B 197 0.45 0.10 18.27
CA VAL B 197 1.54 -0.86 18.09
C VAL B 197 1.28 -2.13 18.90
N TYR B 198 0.76 -1.95 20.11
CA TYR B 198 0.40 -3.09 20.95
C TYR B 198 -0.74 -3.88 20.32
N ALA B 199 -1.76 -3.16 19.85
CA ALA B 199 -2.90 -3.79 19.19
C ALA B 199 -2.43 -4.58 17.98
N PHE B 200 -1.47 -4.03 17.24
CA PHE B 200 -0.87 -4.70 16.10
C PHE B 200 -0.02 -5.88 16.56
N GLY B 201 0.55 -5.76 17.75
CA GLY B 201 1.37 -6.82 18.32
C GLY B 201 0.55 -8.05 18.67
N ILE B 202 -0.70 -7.82 19.08
CA ILE B 202 -1.61 -8.93 19.37
C ILE B 202 -2.02 -9.61 18.08
N VAL B 203 -2.23 -8.83 17.02
CA VAL B 203 -2.57 -9.38 15.72
C VAL B 203 -1.45 -10.27 15.21
N LEU B 204 -0.20 -9.89 15.49
CA LEU B 204 0.94 -10.72 15.17
C LEU B 204 0.87 -12.05 15.91
N TYR B 205 0.46 -11.99 17.17
CA TYR B 205 0.30 -13.20 17.97
C TYR B 205 -0.79 -14.08 17.39
N GLU B 206 -1.87 -13.44 16.94
CA GLU B 206 -2.99 -14.17 16.34
C GLU B 206 -2.57 -14.81 15.02
N LEU B 207 -1.72 -14.11 14.28
CA LEU B 207 -1.26 -14.60 12.99
C LEU B 207 -0.18 -15.67 13.13
N MET B 208 0.61 -15.58 14.20
CA MET B 208 1.73 -16.50 14.37
C MET B 208 1.38 -17.73 15.23
N THR B 209 0.31 -17.62 16.00
CA THR B 209 -0.10 -18.72 16.86
C THR B 209 -1.43 -19.33 16.41
N GLY B 210 -2.24 -18.52 15.74
CA GLY B 210 -3.55 -18.97 15.28
C GLY B 210 -4.53 -19.08 16.44
N GLN B 211 -4.17 -18.48 17.57
CA GLN B 211 -4.97 -18.55 18.78
C GLN B 211 -5.23 -17.15 19.33
N LEU B 212 -6.10 -17.07 20.33
CA LEU B 212 -6.33 -15.82 21.06
C LEU B 212 -5.59 -15.86 22.39
N PRO B 213 -5.05 -14.71 22.82
CA PRO B 213 -4.35 -14.66 24.10
C PRO B 213 -5.31 -14.78 25.29
N TYR B 214 -4.81 -15.30 26.40
CA TYR B 214 -5.58 -15.48 27.63
C TYR B 214 -6.86 -16.29 27.41
N SER B 215 -6.84 -17.21 26.45
CA SER B 215 -8.03 -17.99 26.12
C SER B 215 -8.26 -19.15 27.09
N ASN B 216 -7.44 -19.21 28.14
CA ASN B 216 -7.55 -20.27 29.12
C ASN B 216 -8.43 -19.88 30.29
N ILE B 217 -8.72 -18.59 30.40
CA ILE B 217 -9.58 -18.08 31.48
C ILE B 217 -10.77 -17.32 30.92
N ASN B 218 -11.96 -17.68 31.36
CA ASN B 218 -13.19 -17.06 30.87
C ASN B 218 -13.55 -15.79 31.64
N ASN B 219 -13.06 -15.70 32.87
CA ASN B 219 -13.31 -14.54 33.72
C ASN B 219 -12.73 -13.28 33.10
N ARG B 220 -13.55 -12.23 33.00
CA ARG B 220 -13.16 -11.00 32.32
C ARG B 220 -12.54 -9.98 33.26
N ASP B 221 -13.00 -9.96 34.50
CA ASP B 221 -12.48 -9.00 35.48
C ASP B 221 -11.03 -9.32 35.83
N GLN B 222 -10.68 -10.60 35.85
CA GLN B 222 -9.34 -11.04 36.19
C GLN B 222 -8.32 -10.65 35.12
N ILE B 223 -8.78 -10.58 33.88
CA ILE B 223 -7.92 -10.15 32.78
C ILE B 223 -7.59 -8.66 32.92
N ILE B 224 -8.62 -7.86 33.20
CA ILE B 224 -8.49 -6.42 33.36
C ILE B 224 -7.42 -6.04 34.38
N GLU B 225 -7.43 -6.74 35.52
CA GLU B 225 -6.49 -6.45 36.60
C GLU B 225 -5.07 -6.87 36.24
N MET B 226 -4.88 -8.16 35.99
CA MET B 226 -3.54 -8.71 35.77
C MET B 226 -2.83 -8.10 34.55
N VAL B 227 -3.58 -7.79 33.50
CA VAL B 227 -2.98 -7.13 32.34
C VAL B 227 -2.70 -5.67 32.66
N GLY B 228 -3.60 -5.05 33.43
CA GLY B 228 -3.41 -3.69 33.90
C GLY B 228 -2.22 -3.59 34.83
N ARG B 229 -2.05 -4.60 35.67
CA ARG B 229 -0.89 -4.67 36.56
C ARG B 229 0.40 -4.80 35.77
N GLY B 230 0.38 -5.70 34.79
CA GLY B 230 1.57 -6.07 34.05
C GLY B 230 1.98 -7.48 34.43
N SER B 231 1.16 -8.11 35.26
CA SER B 231 1.41 -9.47 35.73
C SER B 231 1.23 -10.49 34.62
N LEU B 232 0.30 -10.21 33.72
CA LEU B 232 -0.07 -11.17 32.68
C LEU B 232 0.12 -10.60 31.27
N SER B 233 0.70 -11.43 30.39
CA SER B 233 0.92 -11.06 29.00
C SER B 233 0.73 -12.32 28.15
N PRO B 234 0.54 -12.16 26.84
CA PRO B 234 0.36 -13.37 26.01
C PRO B 234 1.56 -14.30 26.06
N ASP B 235 1.29 -15.61 26.11
CA ASP B 235 2.35 -16.60 26.20
C ASP B 235 2.92 -16.90 24.83
N LEU B 236 4.15 -16.45 24.59
CA LEU B 236 4.79 -16.58 23.29
C LEU B 236 5.31 -17.99 23.01
N SER B 237 4.94 -18.93 23.87
CA SER B 237 5.33 -20.33 23.70
C SER B 237 4.39 -21.03 22.73
N LYS B 238 3.32 -20.35 22.34
CA LYS B 238 2.34 -20.90 21.43
C LYS B 238 2.69 -20.58 19.97
N VAL B 239 3.86 -19.96 19.78
CA VAL B 239 4.33 -19.61 18.44
C VAL B 239 4.72 -20.85 17.65
N ARG B 240 4.26 -20.94 16.41
CA ARG B 240 4.47 -22.10 15.56
C ARG B 240 5.95 -22.42 15.34
N SER B 241 6.21 -23.61 14.82
CA SER B 241 7.58 -24.05 14.53
C SER B 241 8.16 -23.31 13.33
N ASN B 242 7.32 -23.10 12.31
CA ASN B 242 7.78 -22.48 11.07
C ASN B 242 7.81 -20.95 11.13
N CYS B 243 7.67 -20.40 12.33
CA CYS B 243 7.73 -18.96 12.51
C CYS B 243 9.16 -18.48 12.73
N PRO B 244 9.60 -17.51 11.92
CA PRO B 244 10.95 -16.92 12.04
C PRO B 244 11.15 -16.25 13.39
N LYS B 245 12.35 -16.40 13.95
CA LYS B 245 12.65 -15.84 15.26
C LYS B 245 12.62 -14.31 15.24
N ARG B 246 12.85 -13.74 14.05
CA ARG B 246 12.87 -12.29 13.91
C ARG B 246 11.45 -11.72 13.89
N MET B 247 10.49 -12.53 13.46
CA MET B 247 9.10 -12.11 13.42
C MET B 247 8.50 -12.05 14.82
N LYS B 248 8.76 -13.09 15.62
CA LYS B 248 8.21 -13.13 16.98
C LYS B 248 9.01 -12.22 17.91
N ARG B 249 10.24 -11.93 17.52
CA ARG B 249 11.05 -10.95 18.25
C ARG B 249 10.45 -9.57 18.05
N LEU B 250 9.96 -9.33 16.83
CA LEU B 250 9.23 -8.11 16.50
C LEU B 250 7.91 -8.08 17.27
N MET B 251 7.28 -9.25 17.39
CA MET B 251 6.03 -9.39 18.11
C MET B 251 6.20 -9.00 19.58
N ALA B 252 7.30 -9.42 20.17
CA ALA B 252 7.59 -9.12 21.57
C ALA B 252 7.88 -7.64 21.77
N GLU B 253 8.43 -7.00 20.76
CA GLU B 253 8.73 -5.56 20.82
C GLU B 253 7.45 -4.73 20.85
N CYS B 254 6.46 -5.16 20.08
CA CYS B 254 5.19 -4.46 19.99
C CYS B 254 4.36 -4.68 21.26
N LEU B 255 4.65 -5.75 21.99
CA LEU B 255 3.86 -6.12 23.15
C LEU B 255 4.52 -5.74 24.46
N LYS B 256 5.59 -4.96 24.40
CA LYS B 256 6.33 -4.56 25.59
C LYS B 256 5.47 -3.72 26.54
N LYS B 257 5.70 -3.91 27.84
CA LYS B 257 4.92 -3.24 28.88
C LYS B 257 4.96 -1.73 28.76
N LYS B 258 6.13 -1.14 29.03
CA LYS B 258 6.32 0.30 28.86
C LYS B 258 6.11 0.67 27.39
N ARG B 259 5.19 1.60 27.15
CA ARG B 259 4.81 1.94 25.77
C ARG B 259 5.95 2.58 24.99
N ASP B 260 6.84 3.30 25.68
CA ASP B 260 7.93 3.99 25.01
C ASP B 260 9.12 3.05 24.76
N GLU B 261 8.84 1.75 24.77
CA GLU B 261 9.82 0.75 24.35
C GLU B 261 9.41 0.18 23.00
N ARG B 262 8.13 0.38 22.65
CA ARG B 262 7.59 -0.15 21.41
C ARG B 262 8.09 0.64 20.20
N PRO B 263 8.28 -0.06 19.07
CA PRO B 263 8.76 0.55 17.83
C PRO B 263 7.65 1.26 17.06
N SER B 264 8.04 2.23 16.23
CA SER B 264 7.10 2.89 15.34
C SER B 264 6.79 1.99 14.15
N PHE B 265 5.67 2.24 13.48
CA PHE B 265 5.29 1.46 12.31
C PHE B 265 6.25 1.57 11.11
N PRO B 266 6.89 2.74 10.91
CA PRO B 266 7.94 2.74 9.88
C PRO B 266 9.06 1.75 10.17
N ARG B 267 9.40 1.58 11.44
CA ARG B 267 10.44 0.63 11.82
C ARG B 267 9.89 -0.79 11.83
N ILE B 268 8.60 -0.91 12.15
CA ILE B 268 7.92 -2.20 12.11
C ILE B 268 7.88 -2.76 10.69
N LEU B 269 7.42 -1.92 9.75
CA LEU B 269 7.30 -2.32 8.36
C LEU B 269 8.65 -2.67 7.75
N ALA B 270 9.69 -1.95 8.16
CA ALA B 270 11.04 -2.17 7.63
C ALA B 270 11.55 -3.56 7.99
N GLU B 271 11.20 -4.04 9.18
CA GLU B 271 11.63 -5.35 9.63
C GLU B 271 10.81 -6.46 8.98
N ILE B 272 9.51 -6.23 8.84
CA ILE B 272 8.63 -7.20 8.19
C ILE B 272 9.04 -7.40 6.74
N GLU B 273 9.29 -6.30 6.04
CA GLU B 273 9.73 -6.34 4.65
C GLU B 273 11.04 -7.08 4.49
N GLU B 274 11.95 -6.88 5.44
CA GLU B 274 13.30 -7.43 5.35
C GLU B 274 13.36 -8.89 5.80
N LEU B 275 12.44 -9.29 6.67
CA LEU B 275 12.38 -10.68 7.11
C LEU B 275 11.55 -11.49 6.12
N ALA B 276 10.82 -10.81 5.27
CA ALA B 276 9.99 -11.47 4.26
C ALA B 276 10.83 -11.96 3.09
N ARG B 277 11.91 -11.24 2.79
CA ARG B 277 12.79 -11.62 1.68
C ARG B 277 13.83 -12.66 2.13
N GLU B 278 13.91 -12.91 3.43
CA GLU B 278 14.80 -13.94 3.95
C GLU B 278 14.21 -15.32 3.72
N LEU B 279 12.91 -15.45 3.91
CA LEU B 279 12.21 -16.71 3.72
C LEU B 279 12.37 -17.25 2.30
N SER B 280 12.47 -16.33 1.34
CA SER B 280 12.69 -16.70 -0.06
C SER B 280 14.18 -16.81 -0.36
#